data_8OOH
#
_entry.id   8OOH
#
_entity_poly.entity_id   1
_entity_poly.type   'polypeptide(L)'
_entity_poly.pdbx_seq_one_letter_code
;MSSASSNARDEVIAAIHEEADWVDRTVYPFESRCIGLSSGAVHYIDEGPDDGGRETLLMLHGNPTWSFLYRHLVRDLRDE
YRCVALDYLGFGLSERPTDFSYRPEDHADVVEEFIDELGLEDVVLVGHDWGGPIGFSYAIDHPENVGGLVVMNTWMWPVS
DDKHFSRFSKLLGGRIGRELCERYDLFTRVIMPMGFADRSRFTESAREQYRAANRGDRTGTGIFPQAILGSRAWLSSLWE
QRDNIADIPARIIWGMEDSAFRPAELRTFEALFEDSSTVRLYGVGHYVPEEFGSDLVPLVREFLEEVLEVLFQ
;
_entity_poly.pdbx_strand_id   A,B
#
# COMPACT_ATOMS: atom_id res chain seq x y z
N THR A 26 -11.12 -37.75 8.84
CA THR A 26 -9.86 -38.14 9.45
C THR A 26 -9.06 -36.86 9.72
N VAL A 27 -9.15 -35.97 8.73
CA VAL A 27 -8.46 -34.70 8.68
C VAL A 27 -9.34 -33.61 9.26
N TYR A 28 -10.65 -33.74 9.02
CA TYR A 28 -11.62 -32.75 9.49
C TYR A 28 -12.67 -33.37 10.43
N PRO A 29 -12.29 -33.82 11.66
CA PRO A 29 -13.11 -34.50 12.64
C PRO A 29 -14.10 -33.60 13.35
N PHE A 30 -13.92 -32.30 13.17
CA PHE A 30 -14.67 -31.28 13.88
C PHE A 30 -16.17 -31.37 13.69
N GLU A 31 -16.90 -31.03 14.74
CA GLU A 31 -18.34 -31.03 14.65
C GLU A 31 -18.80 -30.02 13.60
N SER A 32 -19.71 -30.46 12.73
CA SER A 32 -20.24 -29.61 11.70
C SER A 32 -21.72 -29.37 11.92
N ARG A 33 -22.14 -28.15 11.68
CA ARG A 33 -23.49 -27.67 11.89
C ARG A 33 -24.00 -26.85 10.69
N CYS A 34 -25.30 -26.57 10.64
CA CYS A 34 -25.82 -25.76 9.53
C CYS A 34 -26.93 -24.77 9.93
N ILE A 35 -26.81 -23.53 9.43
CA ILE A 35 -27.78 -22.46 9.67
C ILE A 35 -28.56 -22.10 8.42
N GLY A 36 -29.88 -22.09 8.48
CA GLY A 36 -30.59 -21.63 7.30
C GLY A 36 -30.61 -20.10 7.36
N LEU A 37 -30.08 -19.41 6.34
CA LEU A 37 -30.08 -17.95 6.34
C LEU A 37 -31.13 -17.51 5.32
N SER A 38 -31.57 -16.25 5.40
CA SER A 38 -32.54 -15.73 4.44
C SER A 38 -32.06 -15.76 2.98
N SER A 39 -30.75 -15.85 2.78
CA SER A 39 -30.17 -15.93 1.43
C SER A 39 -29.64 -17.33 1.08
N GLY A 40 -29.90 -18.33 1.92
CA GLY A 40 -29.41 -19.70 1.69
C GLY A 40 -28.79 -20.32 2.94
N ALA A 41 -28.76 -21.64 3.02
CA ALA A 41 -28.17 -22.26 4.21
C ALA A 41 -26.65 -22.28 4.17
N VAL A 42 -26.04 -22.14 5.35
CA VAL A 42 -24.60 -22.23 5.42
C VAL A 42 -24.11 -23.29 6.37
N HIS A 43 -23.01 -23.88 6.00
CA HIS A 43 -22.29 -24.86 6.81
C HIS A 43 -21.29 -24.18 7.71
N TYR A 44 -21.11 -24.73 8.89
CA TYR A 44 -20.06 -24.20 9.74
C TYR A 44 -19.45 -25.25 10.66
N ILE A 45 -18.26 -24.93 11.10
CA ILE A 45 -17.52 -25.75 12.05
C ILE A 45 -17.68 -25.07 13.38
N ASP A 46 -17.99 -25.82 14.43
CA ASP A 46 -18.15 -25.16 15.73
C ASP A 46 -17.55 -26.01 16.84
N GLU A 47 -16.37 -25.60 17.28
CA GLU A 47 -15.57 -26.31 18.28
C GLU A 47 -15.36 -25.52 19.57
N GLY A 48 -15.19 -26.23 20.68
CA GLY A 48 -15.02 -25.62 21.98
C GLY A 48 -16.37 -25.69 22.69
N PRO A 49 -16.52 -25.15 23.90
CA PRO A 49 -17.73 -25.23 24.68
C PRO A 49 -18.85 -24.41 24.07
N ASP A 50 -20.10 -24.87 24.27
CA ASP A 50 -21.29 -24.11 23.85
C ASP A 50 -21.66 -23.09 24.92
N ASP A 51 -21.03 -23.23 26.08
CA ASP A 51 -21.29 -22.35 27.22
C ASP A 51 -20.56 -21.06 26.99
N GLY A 52 -21.17 -20.18 26.20
CA GLY A 52 -20.57 -18.93 25.71
C GLY A 52 -20.34 -17.83 26.76
N GLY A 53 -19.59 -18.18 27.80
CA GLY A 53 -19.13 -17.27 28.85
C GLY A 53 -17.72 -16.79 28.50
N ARG A 54 -17.30 -17.16 27.30
CA ARG A 54 -15.98 -16.88 26.72
C ARG A 54 -16.15 -16.26 25.34
N GLU A 55 -15.14 -15.52 24.92
CA GLU A 55 -15.10 -14.92 23.61
C GLU A 55 -15.14 -15.98 22.50
N THR A 56 -15.80 -15.61 21.39
CA THR A 56 -15.87 -16.50 20.23
C THR A 56 -15.03 -15.95 19.11
N LEU A 57 -14.30 -16.81 18.47
CA LEU A 57 -13.55 -16.42 17.31
C LEU A 57 -14.22 -16.99 16.06
N LEU A 58 -14.44 -16.13 15.05
CA LEU A 58 -15.08 -16.52 13.80
C LEU A 58 -14.12 -16.43 12.62
N MET A 59 -13.93 -17.55 11.94
CA MET A 59 -13.00 -17.59 10.85
C MET A 59 -13.70 -17.54 9.48
N LEU A 60 -13.18 -16.66 8.62
CA LEU A 60 -13.70 -16.45 7.28
C LEU A 60 -12.64 -16.86 6.22
N HIS A 61 -12.99 -17.86 5.40
CA HIS A 61 -12.05 -18.41 4.41
C HIS A 61 -11.82 -17.53 3.20
N GLY A 62 -10.83 -17.93 2.41
CA GLY A 62 -10.44 -17.23 1.18
C GLY A 62 -10.91 -17.98 -0.05
N ASN A 63 -10.32 -17.69 -1.20
CA ASN A 63 -10.76 -18.36 -2.42
C ASN A 63 -9.66 -19.13 -3.16
N PRO A 64 -10.05 -20.23 -3.81
CA PRO A 64 -11.24 -21.06 -3.66
C PRO A 64 -11.13 -22.04 -2.50
N THR A 65 -11.15 -21.55 -1.28
CA THR A 65 -10.95 -22.41 -0.15
C THR A 65 -12.26 -22.68 0.56
N TRP A 66 -12.20 -23.64 1.46
CA TRP A 66 -13.29 -24.05 2.32
C TRP A 66 -12.88 -23.70 3.75
N SER A 67 -13.80 -23.78 4.72
CA SER A 67 -13.49 -23.55 6.14
C SER A 67 -12.40 -24.50 6.68
N PHE A 68 -12.11 -25.54 5.90
CA PHE A 68 -11.10 -26.56 6.14
C PHE A 68 -9.70 -25.94 6.17
N LEU A 69 -9.58 -24.79 5.54
CA LEU A 69 -8.37 -23.98 5.47
C LEU A 69 -7.83 -23.74 6.88
N TYR A 70 -8.73 -23.60 7.84
CA TYR A 70 -8.40 -23.30 9.19
C TYR A 70 -8.49 -24.48 10.13
N ARG A 71 -8.47 -25.70 9.60
CA ARG A 71 -8.60 -26.86 10.49
C ARG A 71 -7.58 -26.83 11.62
N HIS A 72 -6.31 -26.58 11.31
CA HIS A 72 -5.31 -26.51 12.36
C HIS A 72 -5.59 -25.37 13.33
N LEU A 73 -5.85 -24.18 12.80
CA LEU A 73 -6.06 -23.02 13.65
C LEU A 73 -7.20 -23.31 14.65
N VAL A 74 -8.30 -23.90 14.16
CA VAL A 74 -9.44 -24.23 15.01
C VAL A 74 -9.05 -25.25 16.07
N ARG A 75 -8.33 -26.30 15.66
CA ARG A 75 -7.94 -27.38 16.58
C ARG A 75 -7.31 -26.86 17.84
N ASP A 76 -6.28 -26.03 17.68
CA ASP A 76 -5.55 -25.53 18.82
C ASP A 76 -6.21 -24.38 19.58
N LEU A 77 -6.92 -23.48 18.89
CA LEU A 77 -7.53 -22.36 19.60
C LEU A 77 -8.73 -22.83 20.45
N ARG A 78 -9.36 -23.93 20.01
CA ARG A 78 -10.55 -24.55 20.59
C ARG A 78 -10.63 -24.68 22.10
N ASP A 79 -9.52 -25.02 22.74
CA ASP A 79 -9.55 -25.28 24.17
C ASP A 79 -9.54 -24.00 25.01
N GLU A 80 -9.28 -22.86 24.38
CA GLU A 80 -9.25 -21.57 25.09
C GLU A 80 -10.40 -20.67 24.67
N TYR A 81 -10.73 -20.68 23.36
CA TYR A 81 -11.79 -19.82 22.81
C TYR A 81 -12.76 -20.63 21.97
N ARG A 82 -14.01 -20.20 21.90
CA ARG A 82 -14.94 -20.94 21.05
C ARG A 82 -14.55 -20.62 19.62
N CYS A 83 -14.44 -21.62 18.77
CA CYS A 83 -14.04 -21.37 17.40
C CYS A 83 -15.06 -21.81 16.39
N VAL A 84 -15.47 -20.85 15.59
CA VAL A 84 -16.46 -21.08 14.58
C VAL A 84 -15.87 -20.77 13.21
N ALA A 85 -16.09 -21.63 12.24
CA ALA A 85 -15.58 -21.33 10.90
C ALA A 85 -16.72 -21.45 9.90
N LEU A 86 -16.85 -20.45 9.05
CA LEU A 86 -17.99 -20.36 8.12
C LEU A 86 -17.70 -20.55 6.62
N ASP A 87 -18.49 -21.44 5.99
CA ASP A 87 -18.43 -21.59 4.53
C ASP A 87 -19.37 -20.59 3.85
N TYR A 88 -18.82 -19.74 2.99
CA TYR A 88 -19.60 -18.72 2.30
C TYR A 88 -20.58 -19.31 1.31
N LEU A 89 -21.72 -18.66 1.09
CA LEU A 89 -22.66 -19.20 0.11
C LEU A 89 -21.99 -19.32 -1.24
N GLY A 90 -22.25 -20.44 -1.90
CA GLY A 90 -21.65 -20.77 -3.19
C GLY A 90 -20.30 -21.50 -3.09
N PHE A 91 -19.78 -21.64 -1.87
CA PHE A 91 -18.49 -22.27 -1.58
C PHE A 91 -18.63 -23.35 -0.52
N GLY A 92 -17.63 -24.21 -0.45
CA GLY A 92 -17.58 -25.21 0.61
C GLY A 92 -18.74 -26.15 0.61
N LEU A 93 -19.35 -26.29 1.77
CA LEU A 93 -20.48 -27.16 1.95
C LEU A 93 -21.75 -26.34 2.19
N SER A 94 -21.79 -25.14 1.64
CA SER A 94 -22.96 -24.27 1.79
C SER A 94 -23.85 -24.23 0.56
N GLU A 95 -25.07 -23.73 0.75
CA GLU A 95 -26.05 -23.59 -0.32
C GLU A 95 -25.56 -22.61 -1.36
N ARG A 96 -25.92 -22.88 -2.61
CA ARG A 96 -25.62 -22.00 -3.72
C ARG A 96 -26.88 -21.59 -4.48
N PRO A 97 -27.59 -20.54 -4.05
CA PRO A 97 -28.81 -20.09 -4.68
C PRO A 97 -28.44 -19.76 -6.11
N THR A 98 -29.33 -20.04 -7.06
CA THR A 98 -29.01 -19.77 -8.45
C THR A 98 -28.96 -18.28 -8.79
N ASP A 99 -29.56 -17.47 -7.92
CA ASP A 99 -29.58 -16.03 -8.08
C ASP A 99 -28.63 -15.32 -7.13
N PHE A 100 -27.74 -16.04 -6.45
CA PHE A 100 -26.86 -15.35 -5.50
C PHE A 100 -25.88 -14.46 -6.25
N SER A 101 -25.76 -13.23 -5.79
CA SER A 101 -24.79 -12.32 -6.36
C SER A 101 -23.53 -12.35 -5.51
N TYR A 102 -22.40 -12.68 -6.09
CA TYR A 102 -21.18 -12.79 -5.29
C TYR A 102 -20.47 -11.46 -5.10
N ARG A 103 -21.21 -10.50 -4.57
CA ARG A 103 -20.67 -9.20 -4.25
C ARG A 103 -20.23 -9.29 -2.80
N PRO A 104 -19.17 -8.62 -2.37
CA PRO A 104 -18.74 -8.58 -0.99
C PRO A 104 -19.86 -8.11 -0.06
N GLU A 105 -20.78 -7.30 -0.58
CA GLU A 105 -21.91 -6.81 0.18
C GLU A 105 -22.83 -7.95 0.62
N ASP A 106 -22.96 -8.97 -0.24
CA ASP A 106 -23.87 -10.07 0.03
C ASP A 106 -23.15 -11.04 0.94
N HIS A 107 -21.83 -11.15 0.76
CA HIS A 107 -21.06 -12.00 1.65
C HIS A 107 -21.08 -11.41 3.06
N ALA A 108 -20.98 -10.09 3.16
CA ALA A 108 -21.05 -9.43 4.45
C ALA A 108 -22.40 -9.69 5.10
N ASP A 109 -23.49 -9.64 4.33
CA ASP A 109 -24.80 -9.95 4.90
C ASP A 109 -24.90 -11.40 5.38
N VAL A 110 -24.25 -12.33 4.66
CA VAL A 110 -24.23 -13.73 5.08
C VAL A 110 -23.56 -13.85 6.45
N VAL A 111 -22.43 -13.17 6.61
CA VAL A 111 -21.72 -13.18 7.88
C VAL A 111 -22.51 -12.52 8.99
N GLU A 112 -23.10 -11.36 8.72
CA GLU A 112 -23.88 -10.68 9.73
C GLU A 112 -25.03 -11.52 10.24
N GLU A 113 -25.83 -12.07 9.33
CA GLU A 113 -26.96 -12.87 9.74
C GLU A 113 -26.48 -14.10 10.51
N PHE A 114 -25.40 -14.73 10.03
CA PHE A 114 -24.84 -15.90 10.68
C PHE A 114 -24.45 -15.59 12.14
N ILE A 115 -23.74 -14.48 12.35
CA ILE A 115 -23.34 -14.09 13.70
C ILE A 115 -24.56 -13.92 14.59
N ASP A 116 -25.61 -13.23 14.08
CA ASP A 116 -26.81 -13.09 14.89
C ASP A 116 -27.51 -14.44 15.17
N GLU A 117 -27.59 -15.32 14.16
CA GLU A 117 -28.27 -16.61 14.30
C GLU A 117 -27.61 -17.54 15.32
N LEU A 118 -26.30 -17.46 15.43
CA LEU A 118 -25.60 -18.28 16.39
C LEU A 118 -25.53 -17.64 17.78
N GLY A 119 -26.05 -16.42 17.95
CA GLY A 119 -25.99 -15.75 19.23
C GLY A 119 -24.56 -15.30 19.56
N LEU A 120 -23.76 -15.02 18.55
CA LEU A 120 -22.39 -14.68 18.84
C LEU A 120 -22.21 -13.19 19.13
N GLU A 121 -22.52 -12.83 20.37
CA GLU A 121 -22.53 -11.43 20.86
C GLU A 121 -21.18 -10.70 20.92
N ASP A 122 -20.08 -11.43 21.05
CA ASP A 122 -18.74 -10.82 21.16
C ASP A 122 -17.75 -11.69 20.41
N VAL A 123 -17.42 -11.25 19.19
CA VAL A 123 -16.63 -12.06 18.29
C VAL A 123 -15.34 -11.44 17.78
N VAL A 124 -14.27 -12.23 17.82
CA VAL A 124 -13.02 -11.85 17.22
C VAL A 124 -13.05 -12.38 15.81
N LEU A 125 -12.82 -11.54 14.82
CA LEU A 125 -12.93 -12.05 13.46
C LEU A 125 -11.56 -12.35 12.93
N VAL A 126 -11.44 -13.48 12.23
CA VAL A 126 -10.19 -13.83 11.57
C VAL A 126 -10.48 -14.01 10.09
N GLY A 127 -9.82 -13.24 9.24
CA GLY A 127 -10.12 -13.36 7.81
C GLY A 127 -8.89 -13.47 6.94
N HIS A 128 -9.07 -14.21 5.85
CA HIS A 128 -8.01 -14.42 4.86
C HIS A 128 -8.46 -14.11 3.46
N ASP A 129 -7.58 -13.47 2.66
CA ASP A 129 -7.96 -13.19 1.28
C ASP A 129 -9.29 -12.40 1.26
N TRP A 130 -10.32 -12.93 0.59
CA TRP A 130 -11.62 -12.25 0.51
C TRP A 130 -12.27 -12.08 1.89
N GLY A 131 -11.96 -12.99 2.82
CA GLY A 131 -12.52 -12.97 4.17
C GLY A 131 -12.07 -11.72 4.92
N GLY A 132 -10.98 -11.10 4.47
CA GLY A 132 -10.46 -9.90 5.07
C GLY A 132 -11.49 -8.80 5.01
N PRO A 133 -11.77 -8.24 3.81
CA PRO A 133 -12.80 -7.25 3.53
C PRO A 133 -14.16 -7.62 4.08
N ILE A 134 -14.50 -8.91 4.16
CA ILE A 134 -15.81 -9.22 4.69
C ILE A 134 -15.84 -9.06 6.21
N GLY A 135 -14.83 -9.60 6.91
CA GLY A 135 -14.76 -9.43 8.35
C GLY A 135 -14.61 -7.96 8.70
N PHE A 136 -13.82 -7.23 7.89
CA PHE A 136 -13.58 -5.82 8.09
C PHE A 136 -14.91 -5.09 7.96
N SER A 137 -15.67 -5.40 6.91
CA SER A 137 -16.97 -4.78 6.69
C SER A 137 -17.89 -5.04 7.86
N TYR A 138 -17.93 -6.26 8.37
CA TYR A 138 -18.80 -6.52 9.51
C TYR A 138 -18.43 -5.55 10.62
N ALA A 139 -17.12 -5.45 10.92
CA ALA A 139 -16.60 -4.56 11.94
C ALA A 139 -16.90 -3.09 11.68
N ILE A 140 -16.96 -2.67 10.42
CA ILE A 140 -17.33 -1.29 10.11
C ILE A 140 -18.79 -1.02 10.43
N ASP A 141 -19.67 -1.95 10.06
CA ASP A 141 -21.09 -1.80 10.30
C ASP A 141 -21.51 -2.06 11.75
N HIS A 142 -20.86 -3.04 12.38
CA HIS A 142 -21.15 -3.46 13.74
C HIS A 142 -19.91 -3.61 14.62
N PRO A 143 -19.14 -2.53 14.87
CA PRO A 143 -17.91 -2.56 15.65
C PRO A 143 -18.20 -2.98 17.08
N GLU A 144 -19.45 -2.76 17.51
CA GLU A 144 -19.91 -3.05 18.85
C GLU A 144 -19.83 -4.53 19.18
N ASN A 145 -19.94 -5.39 18.16
CA ASN A 145 -19.94 -6.82 18.40
C ASN A 145 -18.57 -7.43 18.09
N VAL A 146 -17.57 -6.59 17.85
CA VAL A 146 -16.27 -7.11 17.50
C VAL A 146 -15.26 -6.98 18.62
N GLY A 147 -14.75 -8.13 19.05
CA GLY A 147 -13.81 -8.22 20.16
C GLY A 147 -12.36 -8.04 19.73
N GLY A 148 -12.17 -7.85 18.44
CA GLY A 148 -10.85 -7.69 17.85
C GLY A 148 -10.82 -8.26 16.44
N LEU A 149 -9.82 -7.87 15.65
CA LEU A 149 -9.69 -8.37 14.29
C LEU A 149 -8.30 -8.92 13.95
N VAL A 150 -8.27 -10.05 13.28
CA VAL A 150 -7.01 -10.60 12.78
C VAL A 150 -7.16 -10.80 11.28
N VAL A 151 -6.28 -10.20 10.52
CA VAL A 151 -6.39 -10.33 9.09
C VAL A 151 -5.10 -10.90 8.52
N MET A 152 -5.22 -11.68 7.45
CA MET A 152 -4.06 -12.30 6.84
C MET A 152 -4.10 -12.36 5.30
N ASN A 153 -3.05 -11.83 4.67
CA ASN A 153 -2.98 -11.86 3.19
C ASN A 153 -4.29 -11.41 2.51
N THR A 154 -4.85 -10.30 2.97
CA THR A 154 -6.17 -9.86 2.50
C THR A 154 -6.23 -8.99 1.26
N TRP A 155 -7.47 -8.85 0.75
CA TRP A 155 -7.79 -7.96 -0.38
C TRP A 155 -8.39 -6.63 0.01
N MET A 156 -8.06 -6.13 1.17
CA MET A 156 -8.59 -4.82 1.55
C MET A 156 -7.95 -3.74 0.70
N TRP A 157 -8.74 -2.72 0.38
CA TRP A 157 -8.39 -1.55 -0.43
C TRP A 157 -8.35 -1.95 -1.91
N PRO A 158 -8.81 -1.10 -2.84
CA PRO A 158 -8.75 -1.36 -4.25
C PRO A 158 -7.32 -1.63 -4.63
N VAL A 159 -7.08 -2.59 -5.52
CA VAL A 159 -5.72 -2.84 -5.93
C VAL A 159 -5.53 -2.24 -7.32
N SER A 160 -4.73 -1.18 -7.38
CA SER A 160 -4.56 -0.44 -8.63
C SER A 160 -3.15 -0.55 -9.18
N ASP A 161 -2.17 -0.61 -8.27
CA ASP A 161 -0.75 -0.58 -8.63
C ASP A 161 -0.15 -1.97 -8.79
N ASP A 162 -0.70 -2.96 -8.10
CA ASP A 162 -0.05 -4.24 -8.15
C ASP A 162 -0.48 -4.97 -9.40
N LYS A 163 0.36 -4.83 -10.41
CA LYS A 163 0.18 -5.38 -11.73
C LYS A 163 0.07 -6.91 -11.73
N HIS A 164 0.63 -7.59 -10.72
CA HIS A 164 0.56 -9.05 -10.72
C HIS A 164 -0.89 -9.46 -10.56
N PHE A 165 -1.50 -8.93 -9.50
CA PHE A 165 -2.90 -9.17 -9.22
C PHE A 165 -3.78 -8.64 -10.31
N SER A 166 -3.53 -7.42 -10.76
CA SER A 166 -4.39 -6.84 -11.79
C SER A 166 -4.41 -7.72 -13.04
N ARG A 167 -3.24 -8.20 -13.50
CA ARG A 167 -3.24 -9.07 -14.67
C ARG A 167 -4.03 -10.35 -14.41
N PHE A 168 -3.87 -10.95 -13.23
CA PHE A 168 -4.66 -12.14 -12.92
C PHE A 168 -6.12 -11.81 -12.79
N SER A 169 -6.46 -10.67 -12.23
CA SER A 169 -7.85 -10.31 -12.01
C SER A 169 -8.57 -10.22 -13.33
N LYS A 170 -7.90 -9.62 -14.32
CA LYS A 170 -8.51 -9.49 -15.63
C LYS A 170 -8.64 -10.85 -16.34
N LEU A 171 -7.65 -11.73 -16.18
CA LEU A 171 -7.70 -13.07 -16.77
C LEU A 171 -8.72 -13.97 -16.09
N LEU A 172 -8.74 -13.94 -14.77
CA LEU A 172 -9.59 -14.77 -13.96
C LEU A 172 -10.97 -14.14 -13.79
N GLY A 173 -11.11 -12.86 -14.13
CA GLY A 173 -12.40 -12.15 -14.09
C GLY A 173 -13.02 -12.10 -15.50
N GLY A 174 -14.08 -11.32 -15.66
CA GLY A 174 -14.75 -11.20 -16.95
C GLY A 174 -15.35 -12.51 -17.42
N ARG A 175 -15.81 -12.53 -18.67
CA ARG A 175 -16.37 -13.74 -19.26
C ARG A 175 -15.36 -14.87 -19.29
N ILE A 176 -14.15 -14.56 -19.75
CA ILE A 176 -13.13 -15.60 -19.86
C ILE A 176 -12.81 -16.18 -18.51
N GLY A 177 -12.86 -15.37 -17.46
CA GLY A 177 -12.62 -15.83 -16.12
C GLY A 177 -13.58 -16.91 -15.75
N ARG A 178 -14.85 -16.59 -15.91
CA ARG A 178 -15.90 -17.53 -15.59
C ARG A 178 -15.70 -18.82 -16.37
N GLU A 179 -15.43 -18.72 -17.68
CA GLU A 179 -15.24 -19.92 -18.50
C GLU A 179 -14.04 -20.74 -18.06
N LEU A 180 -12.93 -20.09 -17.71
CA LEU A 180 -11.72 -20.77 -17.26
C LEU A 180 -11.95 -21.54 -15.97
N CYS A 181 -12.75 -20.95 -15.09
CA CYS A 181 -13.02 -21.58 -13.84
C CYS A 181 -13.99 -22.76 -14.05
N GLU A 182 -15.10 -22.52 -14.74
CA GLU A 182 -16.11 -23.56 -14.96
C GLU A 182 -15.62 -24.72 -15.83
N ARG A 183 -14.83 -24.45 -16.85
CA ARG A 183 -14.38 -25.47 -17.77
C ARG A 183 -13.13 -26.23 -17.33
N TYR A 184 -12.19 -25.54 -16.67
CA TYR A 184 -10.92 -26.19 -16.37
C TYR A 184 -10.58 -26.25 -14.89
N ASP A 185 -11.42 -25.64 -14.04
CA ASP A 185 -11.13 -25.53 -12.62
C ASP A 185 -9.75 -24.89 -12.42
N LEU A 186 -9.43 -23.92 -13.27
CA LEU A 186 -8.15 -23.22 -13.22
C LEU A 186 -7.80 -22.71 -11.83
N PHE A 187 -8.81 -22.14 -11.17
CA PHE A 187 -8.65 -21.50 -9.89
C PHE A 187 -8.24 -22.48 -8.79
N THR A 188 -8.55 -23.78 -8.96
CA THR A 188 -8.19 -24.76 -7.94
C THR A 188 -7.00 -25.61 -8.38
N ARG A 189 -6.94 -25.96 -9.67
CA ARG A 189 -5.87 -26.83 -10.14
C ARG A 189 -4.53 -26.11 -10.29
N VAL A 190 -4.57 -24.82 -10.64
CA VAL A 190 -3.35 -24.05 -10.86
C VAL A 190 -3.13 -22.95 -9.83
N ILE A 191 -4.14 -22.11 -9.64
CA ILE A 191 -3.99 -20.93 -8.80
C ILE A 191 -3.79 -21.31 -7.33
N MET A 192 -4.51 -22.31 -6.87
CA MET A 192 -4.36 -22.73 -5.49
C MET A 192 -2.89 -23.13 -5.21
N PRO A 193 -2.27 -24.16 -5.89
CA PRO A 193 -0.84 -24.48 -5.75
C PRO A 193 0.08 -23.26 -5.95
N MET A 194 -0.30 -22.34 -6.86
CA MET A 194 0.49 -21.14 -7.12
C MET A 194 0.68 -20.30 -5.86
N GLY A 195 -0.33 -20.30 -5.00
CA GLY A 195 -0.32 -19.52 -3.77
C GLY A 195 0.46 -20.19 -2.63
N PHE A 196 1.06 -21.36 -2.87
CA PHE A 196 1.84 -22.01 -1.83
C PHE A 196 3.34 -21.82 -2.09
N ALA A 197 4.09 -21.49 -1.04
CA ALA A 197 5.55 -21.38 -1.09
C ALA A 197 6.12 -22.78 -0.99
N ASP A 198 5.32 -23.64 -0.37
CA ASP A 198 5.66 -25.03 -0.17
C ASP A 198 4.46 -25.91 -0.46
N ARG A 199 4.45 -26.47 -1.65
CA ARG A 199 3.32 -27.24 -2.13
C ARG A 199 3.26 -28.63 -1.51
N SER A 200 4.30 -29.03 -0.75
CA SER A 200 4.27 -30.38 -0.18
C SER A 200 3.34 -30.39 1.04
N ARG A 201 2.92 -29.21 1.48
CA ARG A 201 2.01 -29.07 2.60
C ARG A 201 0.56 -29.11 2.12
N PHE A 202 0.38 -29.08 0.80
CA PHE A 202 -0.94 -29.08 0.21
C PHE A 202 -1.33 -30.53 0.02
N THR A 203 -1.76 -31.14 1.12
CA THR A 203 -1.98 -32.58 1.14
C THR A 203 -3.05 -32.99 0.17
N GLU A 204 -3.03 -34.26 -0.23
CA GLU A 204 -4.03 -34.75 -1.16
C GLU A 204 -5.43 -34.52 -0.64
N SER A 205 -5.64 -34.69 0.67
CA SER A 205 -6.96 -34.47 1.24
C SER A 205 -7.37 -33.00 1.07
N ALA A 206 -6.45 -32.07 1.32
CA ALA A 206 -6.79 -30.65 1.12
C ALA A 206 -7.12 -30.38 -0.34
N ARG A 207 -6.36 -31.03 -1.24
CA ARG A 207 -6.54 -30.82 -2.66
C ARG A 207 -7.89 -31.38 -3.09
N GLU A 208 -8.26 -32.54 -2.53
CA GLU A 208 -9.53 -33.17 -2.87
C GLU A 208 -10.69 -32.31 -2.45
N GLN A 209 -10.65 -31.81 -1.21
CA GLN A 209 -11.79 -31.05 -0.75
C GLN A 209 -11.93 -29.76 -1.53
N TYR A 210 -10.84 -29.10 -1.87
CA TYR A 210 -11.02 -27.88 -2.65
C TYR A 210 -11.61 -28.22 -4.04
N ARG A 211 -11.11 -29.32 -4.64
CA ARG A 211 -11.56 -29.75 -5.97
C ARG A 211 -12.92 -30.44 -5.93
N ALA A 212 -13.39 -30.80 -4.75
CA ALA A 212 -14.69 -31.42 -4.56
C ALA A 212 -15.82 -30.51 -5.04
N ALA A 213 -15.59 -29.18 -5.06
CA ALA A 213 -16.64 -28.26 -5.50
C ALA A 213 -17.06 -28.62 -6.92
N ASN A 214 -18.37 -28.55 -7.24
CA ASN A 214 -18.77 -28.97 -8.60
C ASN A 214 -18.73 -27.84 -9.61
N ARG A 215 -19.09 -28.13 -10.87
CA ARG A 215 -19.04 -27.12 -11.91
C ARG A 215 -19.89 -25.89 -11.62
N GLY A 216 -21.10 -26.09 -11.10
CA GLY A 216 -21.93 -24.94 -10.77
C GLY A 216 -21.29 -24.07 -9.68
N ASP A 217 -20.64 -24.71 -8.71
CA ASP A 217 -20.00 -24.03 -7.59
C ASP A 217 -18.83 -23.17 -8.12
N ARG A 218 -18.22 -23.64 -9.21
CA ARG A 218 -17.10 -22.97 -9.85
C ARG A 218 -17.54 -21.58 -10.35
N THR A 219 -18.84 -21.38 -10.59
CA THR A 219 -19.31 -20.07 -11.03
C THR A 219 -19.00 -19.02 -9.97
N GLY A 220 -19.25 -19.35 -8.69
CA GLY A 220 -19.04 -18.38 -7.61
C GLY A 220 -17.58 -18.02 -7.54
N THR A 221 -16.76 -19.04 -7.71
CA THR A 221 -15.32 -18.88 -7.72
C THR A 221 -14.86 -18.02 -8.89
N GLY A 222 -15.43 -18.28 -10.08
CA GLY A 222 -15.13 -17.54 -11.28
C GLY A 222 -15.47 -16.05 -11.14
N ILE A 223 -16.58 -15.75 -10.45
CA ILE A 223 -16.99 -14.37 -10.22
C ILE A 223 -16.06 -13.64 -9.26
N PHE A 224 -15.69 -14.28 -8.15
CA PHE A 224 -14.82 -13.62 -7.17
C PHE A 224 -13.85 -12.52 -7.66
N PRO A 225 -12.84 -12.75 -8.52
CA PRO A 225 -11.91 -11.72 -8.94
C PRO A 225 -12.63 -10.58 -9.67
N GLN A 226 -13.77 -10.87 -10.28
CA GLN A 226 -14.53 -9.83 -10.96
C GLN A 226 -15.17 -8.99 -9.90
N ALA A 227 -15.60 -9.65 -8.83
CA ALA A 227 -16.23 -8.93 -7.75
C ALA A 227 -15.24 -7.92 -7.21
N ILE A 228 -13.96 -8.30 -7.08
CA ILE A 228 -12.95 -7.35 -6.60
C ILE A 228 -12.79 -6.19 -7.56
N LEU A 229 -12.74 -6.48 -8.87
CA LEU A 229 -12.59 -5.41 -9.85
C LEU A 229 -13.77 -4.43 -9.83
N GLY A 230 -14.98 -4.94 -9.62
CA GLY A 230 -16.18 -4.09 -9.58
C GLY A 230 -16.52 -3.53 -8.19
N SER A 231 -15.90 -4.08 -7.14
CA SER A 231 -16.16 -3.70 -5.75
C SER A 231 -15.23 -2.61 -5.25
N ARG A 232 -14.45 -2.03 -6.14
CA ARG A 232 -13.52 -0.98 -5.76
C ARG A 232 -14.20 0.14 -4.95
N ALA A 233 -15.43 0.53 -5.33
CA ALA A 233 -16.14 1.56 -4.55
C ALA A 233 -16.38 1.12 -3.10
N TRP A 234 -16.69 -0.18 -2.92
CA TRP A 234 -16.97 -0.75 -1.61
C TRP A 234 -15.69 -0.80 -0.80
N LEU A 235 -14.61 -1.26 -1.43
CA LEU A 235 -13.32 -1.36 -0.77
C LEU A 235 -12.82 0.03 -0.39
N SER A 236 -13.07 1.01 -1.27
CA SER A 236 -12.68 2.37 -1.00
C SER A 236 -13.45 2.91 0.20
N SER A 237 -14.76 2.60 0.25
CA SER A 237 -15.58 3.06 1.36
C SER A 237 -15.08 2.45 2.67
N LEU A 238 -14.71 1.17 2.63
CA LEU A 238 -14.22 0.54 3.84
C LEU A 238 -12.93 1.22 4.28
N TRP A 239 -12.05 1.56 3.32
CA TRP A 239 -10.81 2.23 3.63
C TRP A 239 -11.09 3.57 4.33
N GLU A 240 -12.04 4.34 3.80
CA GLU A 240 -12.40 5.64 4.39
C GLU A 240 -12.92 5.51 5.82
N GLN A 241 -13.60 4.41 6.12
CA GLN A 241 -14.15 4.19 7.45
C GLN A 241 -13.14 3.55 8.42
N ARG A 242 -11.90 3.34 7.96
CA ARG A 242 -10.86 2.77 8.80
C ARG A 242 -10.63 3.62 10.05
N ASP A 243 -10.82 4.93 9.97
CA ASP A 243 -10.63 5.78 11.14
C ASP A 243 -11.55 5.37 12.30
N ASN A 244 -12.70 4.73 11.99
CA ASN A 244 -13.62 4.29 13.02
C ASN A 244 -13.28 2.87 13.47
N ILE A 245 -12.80 2.04 12.52
CA ILE A 245 -12.47 0.65 12.85
C ILE A 245 -11.25 0.64 13.75
N ALA A 246 -10.51 1.76 13.72
CA ALA A 246 -9.30 1.99 14.48
C ALA A 246 -9.53 1.80 15.99
N ASP A 247 -10.78 1.84 16.46
CA ASP A 247 -11.03 1.61 17.88
C ASP A 247 -11.05 0.11 18.25
N ILE A 248 -10.93 -0.77 17.25
CA ILE A 248 -10.92 -2.22 17.45
C ILE A 248 -9.48 -2.78 17.33
N PRO A 249 -8.91 -3.43 18.35
CA PRO A 249 -7.54 -3.95 18.35
C PRO A 249 -7.33 -4.88 17.17
N ALA A 250 -6.15 -4.85 16.56
CA ALA A 250 -5.96 -5.74 15.42
C ALA A 250 -4.55 -6.24 15.13
N ARG A 251 -4.48 -7.33 14.39
CA ARG A 251 -3.21 -7.91 13.94
C ARG A 251 -3.24 -8.21 12.45
N ILE A 252 -2.14 -7.89 11.77
CA ILE A 252 -2.06 -8.15 10.34
C ILE A 252 -0.92 -9.13 10.03
N ILE A 253 -1.27 -10.26 9.46
CA ILE A 253 -0.31 -11.30 9.14
C ILE A 253 -0.01 -11.30 7.66
N TRP A 254 1.26 -11.24 7.33
CA TRP A 254 1.67 -11.21 5.95
C TRP A 254 2.79 -12.15 5.62
N GLY A 255 2.59 -12.94 4.56
CA GLY A 255 3.66 -13.83 4.14
C GLY A 255 4.72 -13.10 3.31
N MET A 256 5.98 -13.44 3.51
CA MET A 256 7.05 -12.79 2.75
C MET A 256 7.00 -13.09 1.26
N GLU A 257 6.38 -14.21 0.87
CA GLU A 257 6.28 -14.59 -0.53
C GLU A 257 4.84 -14.49 -1.02
N ASP A 258 4.04 -13.65 -0.35
CA ASP A 258 2.63 -13.48 -0.74
C ASP A 258 2.50 -12.84 -2.11
N SER A 259 1.31 -12.99 -2.68
CA SER A 259 0.92 -12.42 -3.95
C SER A 259 -0.24 -11.43 -3.83
N ALA A 260 -0.98 -11.50 -2.72
CA ALA A 260 -2.15 -10.64 -2.52
C ALA A 260 -1.88 -9.33 -1.80
N PHE A 261 -0.70 -9.16 -1.25
CA PHE A 261 -0.46 -8.01 -0.40
C PHE A 261 1.04 -7.70 -0.41
N ARG A 262 1.38 -6.43 -0.57
CA ARG A 262 2.78 -6.00 -0.63
C ARG A 262 3.22 -5.42 0.71
N PRO A 263 4.52 -5.40 1.08
CA PRO A 263 5.00 -4.85 2.34
C PRO A 263 4.68 -3.36 2.42
N ALA A 264 4.53 -2.72 1.26
CA ALA A 264 4.17 -1.31 1.22
C ALA A 264 2.79 -1.12 1.84
N GLU A 265 1.91 -2.09 1.58
CA GLU A 265 0.56 -2.04 2.05
C GLU A 265 0.59 -2.39 3.51
N LEU A 266 1.39 -3.39 3.86
CA LEU A 266 1.47 -3.80 5.26
C LEU A 266 1.83 -2.59 6.13
N ARG A 267 2.84 -1.83 5.69
CA ARG A 267 3.24 -0.63 6.41
C ARG A 267 2.14 0.44 6.43
N THR A 268 1.46 0.63 5.29
CA THR A 268 0.41 1.65 5.22
C THR A 268 -0.75 1.30 6.14
N PHE A 269 -1.15 0.03 6.15
CA PHE A 269 -2.25 -0.40 7.00
C PHE A 269 -1.88 -0.18 8.46
N GLU A 270 -0.64 -0.51 8.84
CA GLU A 270 -0.21 -0.29 10.23
C GLU A 270 -0.28 1.19 10.59
N ALA A 271 0.14 2.05 9.66
CA ALA A 271 0.13 3.50 9.87
C ALA A 271 -1.27 4.04 10.14
N LEU A 272 -2.29 3.45 9.50
CA LEU A 272 -3.65 3.92 9.64
C LEU A 272 -4.48 3.21 10.72
N PHE A 273 -4.35 1.91 10.84
CA PHE A 273 -5.19 1.17 11.75
C PHE A 273 -4.59 1.30 13.15
N GLU A 274 -5.04 2.29 13.90
CA GLU A 274 -4.47 2.53 15.21
C GLU A 274 -4.70 1.31 16.08
N ASP A 275 -3.79 1.06 17.03
CA ASP A 275 -3.87 -0.12 17.91
C ASP A 275 -3.78 -1.43 17.13
N SER A 276 -2.81 -1.50 16.22
CA SER A 276 -2.59 -2.71 15.48
C SER A 276 -1.11 -3.03 15.39
N SER A 277 -0.82 -4.24 14.97
CA SER A 277 0.56 -4.68 14.79
C SER A 277 0.68 -5.66 13.64
N THR A 278 1.77 -5.54 12.89
CA THR A 278 2.02 -6.43 11.78
C THR A 278 2.95 -7.58 12.15
N VAL A 279 2.77 -8.71 11.47
CA VAL A 279 3.60 -9.88 11.63
C VAL A 279 4.10 -10.36 10.27
N ARG A 280 5.40 -10.60 10.15
CA ARG A 280 5.94 -11.10 8.90
C ARG A 280 6.38 -12.56 9.04
N LEU A 281 5.75 -13.42 8.24
CA LEU A 281 6.07 -14.84 8.27
C LEU A 281 6.94 -15.24 7.09
N TYR A 282 7.96 -16.03 7.35
CA TYR A 282 8.93 -16.42 6.33
C TYR A 282 8.71 -17.83 5.79
N GLY A 283 9.00 -18.01 4.49
CA GLY A 283 8.87 -19.31 3.83
C GLY A 283 7.42 -19.65 3.52
N VAL A 284 6.57 -18.63 3.54
CA VAL A 284 5.13 -18.79 3.35
C VAL A 284 4.58 -17.88 2.26
N GLY A 285 3.63 -18.43 1.53
CA GLY A 285 2.96 -17.76 0.42
C GLY A 285 1.63 -17.12 0.82
N HIS A 286 0.61 -17.35 -0.03
CA HIS A 286 -0.74 -16.82 0.10
C HIS A 286 -1.48 -17.63 1.16
N TYR A 287 -1.45 -18.96 1.02
CA TYR A 287 -2.25 -19.80 1.92
C TYR A 287 -1.54 -20.09 3.27
N VAL A 288 -1.40 -19.02 4.06
CA VAL A 288 -0.69 -19.05 5.34
C VAL A 288 -1.17 -20.05 6.39
N PRO A 289 -2.48 -20.17 6.70
CA PRO A 289 -2.99 -21.03 7.75
C PRO A 289 -2.79 -22.51 7.43
N GLU A 290 -2.55 -22.82 6.15
CA GLU A 290 -2.37 -24.21 5.74
C GLU A 290 -0.89 -24.55 5.82
N GLU A 291 -0.04 -23.63 5.33
CA GLU A 291 1.40 -23.89 5.36
C GLU A 291 2.03 -23.71 6.75
N PHE A 292 1.65 -22.63 7.43
CA PHE A 292 2.21 -22.24 8.72
C PHE A 292 1.16 -22.06 9.81
N GLY A 293 0.19 -22.96 9.85
CA GLY A 293 -0.84 -22.93 10.88
C GLY A 293 -0.21 -22.95 12.27
N SER A 294 0.94 -23.63 12.41
CA SER A 294 1.65 -23.74 13.67
C SER A 294 2.21 -22.40 14.18
N ASP A 295 2.36 -21.40 13.31
CA ASP A 295 2.81 -20.08 13.76
C ASP A 295 1.60 -19.20 13.95
N LEU A 296 0.59 -19.41 13.10
CA LEU A 296 -0.62 -18.60 13.15
C LEU A 296 -1.33 -18.82 14.47
N VAL A 297 -1.39 -20.08 14.93
CA VAL A 297 -2.02 -20.36 16.20
C VAL A 297 -1.47 -19.45 17.31
N PRO A 298 -0.17 -19.47 17.72
CA PRO A 298 0.39 -18.51 18.65
C PRO A 298 0.10 -17.05 18.33
N LEU A 299 0.08 -16.65 17.05
CA LEU A 299 -0.17 -15.23 16.79
C LEU A 299 -1.58 -14.86 17.22
N VAL A 300 -2.53 -15.75 16.93
CA VAL A 300 -3.91 -15.52 17.28
C VAL A 300 -4.09 -15.66 18.78
N ARG A 301 -3.48 -16.69 19.39
CA ARG A 301 -3.62 -16.87 20.83
C ARG A 301 -3.06 -15.68 21.59
N GLU A 302 -1.92 -15.13 21.16
CA GLU A 302 -1.35 -13.98 21.85
C GLU A 302 -2.30 -12.80 21.77
N PHE A 303 -2.89 -12.59 20.59
CA PHE A 303 -3.85 -11.51 20.45
C PHE A 303 -5.01 -11.70 21.41
N LEU A 304 -5.56 -12.90 21.42
CA LEU A 304 -6.70 -13.24 22.25
C LEU A 304 -6.40 -13.17 23.75
N GLU A 305 -5.13 -13.41 24.14
CA GLU A 305 -4.73 -13.31 25.54
C GLU A 305 -4.54 -11.85 25.95
N GLU A 306 -3.86 -11.08 25.08
CA GLU A 306 -3.57 -9.67 25.34
C GLU A 306 -4.81 -8.78 25.44
N THR B 26 15.46 31.03 -20.48
CA THR B 26 14.24 31.36 -21.20
C THR B 26 13.10 30.62 -20.51
N VAL B 27 13.41 29.38 -20.14
CA VAL B 27 12.50 28.44 -19.52
C VAL B 27 12.61 28.54 -18.01
N TYR B 28 13.83 28.82 -17.52
CA TYR B 28 14.08 28.91 -16.09
C TYR B 28 14.65 30.29 -15.70
N PRO B 29 13.84 31.38 -15.78
CA PRO B 29 14.20 32.77 -15.54
C PRO B 29 14.37 33.10 -14.07
N PHE B 30 13.95 32.18 -13.22
CA PHE B 30 13.89 32.40 -11.79
C PHE B 30 15.23 32.74 -11.17
N GLU B 31 15.19 33.57 -10.15
CA GLU B 31 16.42 33.92 -9.44
C GLU B 31 17.02 32.68 -8.80
N SER B 32 18.32 32.51 -9.00
CA SER B 32 19.05 31.38 -8.45
C SER B 32 20.05 31.86 -7.42
N ARG B 33 20.16 31.11 -6.34
CA ARG B 33 21.03 31.40 -5.21
C ARG B 33 21.79 30.16 -4.75
N CYS B 34 22.80 30.34 -3.89
CA CYS B 34 23.55 29.18 -3.40
C CYS B 34 23.96 29.26 -1.92
N ILE B 35 23.75 28.14 -1.20
CA ILE B 35 24.10 28.02 0.22
C ILE B 35 25.27 27.07 0.44
N GLY B 36 26.31 27.49 1.13
CA GLY B 36 27.35 26.52 1.44
C GLY B 36 26.89 25.73 2.65
N LEU B 37 26.77 24.40 2.54
CA LEU B 37 26.36 23.59 3.69
C LEU B 37 27.59 22.85 4.18
N SER B 38 27.54 22.35 5.41
CA SER B 38 28.67 21.59 5.96
C SER B 38 29.03 20.33 5.15
N SER B 39 28.10 19.84 4.34
CA SER B 39 28.34 18.67 3.51
C SER B 39 28.50 19.02 2.02
N GLY B 40 28.57 20.30 1.67
CA GLY B 40 28.69 20.73 0.27
C GLY B 40 27.73 21.88 -0.07
N ALA B 41 28.05 22.68 -1.08
CA ALA B 41 27.14 23.76 -1.43
C ALA B 41 25.93 23.31 -2.22
N VAL B 42 24.81 23.96 -2.00
CA VAL B 42 23.63 23.65 -2.78
C VAL B 42 23.05 24.85 -3.50
N HIS B 43 22.52 24.56 -4.66
CA HIS B 43 21.82 25.53 -5.49
C HIS B 43 20.35 25.56 -5.15
N TYR B 44 19.75 26.74 -5.24
CA TYR B 44 18.33 26.80 -5.04
C TYR B 44 17.66 27.91 -5.84
N ILE B 45 16.37 27.75 -6.03
CA ILE B 45 15.54 28.72 -6.69
C ILE B 45 14.79 29.43 -5.61
N ASP B 46 14.72 30.75 -5.64
CA ASP B 46 14.00 31.44 -4.56
C ASP B 46 13.19 32.60 -5.13
N GLU B 47 11.89 32.38 -5.24
CA GLU B 47 10.95 33.32 -5.85
C GLU B 47 9.89 33.83 -4.85
N GLY B 48 9.40 35.04 -5.10
CA GLY B 48 8.41 35.65 -4.23
C GLY B 48 9.16 36.63 -3.34
N PRO B 49 8.52 37.32 -2.40
CA PRO B 49 9.13 38.33 -1.56
C PRO B 49 10.12 37.73 -0.57
N ASP B 50 11.15 38.50 -0.22
CA ASP B 50 12.11 38.09 0.82
C ASP B 50 11.57 38.48 2.20
N ASP B 51 10.51 39.27 2.19
CA ASP B 51 9.89 39.75 3.42
C ASP B 51 9.03 38.63 3.98
N GLY B 52 9.68 37.71 4.68
CA GLY B 52 9.07 36.47 5.18
C GLY B 52 8.04 36.60 6.30
N GLY B 53 6.99 37.39 6.03
CA GLY B 53 5.83 37.57 6.88
C GLY B 53 4.73 36.61 6.41
N ARG B 54 5.10 35.76 5.47
CA ARG B 54 4.25 34.77 4.80
C ARG B 54 4.90 33.41 4.87
N GLU B 55 4.08 32.37 4.78
CA GLU B 55 4.55 31.00 4.75
C GLU B 55 5.45 30.74 3.54
N THR B 56 6.45 29.87 3.74
CA THR B 56 7.35 29.48 2.67
C THR B 56 7.08 28.05 2.26
N LEU B 57 7.07 27.82 0.98
CA LEU B 57 6.93 26.47 0.47
C LEU B 57 8.28 26.02 -0.09
N LEU B 58 8.72 24.82 0.33
CA LEU B 58 9.99 24.24 -0.11
C LEU B 58 9.78 23.01 -0.95
N MET B 59 10.30 23.04 -2.17
CA MET B 59 10.11 21.94 -3.08
C MET B 59 11.36 21.05 -3.18
N LEU B 60 11.12 19.75 -3.08
CA LEU B 60 12.16 18.73 -3.15
C LEU B 60 11.96 17.83 -4.39
N HIS B 61 12.96 17.84 -5.28
CA HIS B 61 12.86 17.11 -6.56
C HIS B 61 13.03 15.61 -6.44
N GLY B 62 12.75 14.92 -7.54
CA GLY B 62 12.86 13.47 -7.64
C GLY B 62 14.08 13.06 -8.44
N ASN B 63 14.10 11.83 -8.94
CA ASN B 63 15.27 11.39 -9.68
C ASN B 63 14.98 10.91 -11.11
N PRO B 64 15.95 11.14 -12.02
CA PRO B 64 17.09 12.05 -11.99
C PRO B 64 16.69 13.47 -12.38
N THR B 65 15.93 14.16 -11.54
CA THR B 65 15.44 15.47 -11.91
C THR B 65 16.22 16.54 -11.20
N TRP B 66 15.99 17.76 -11.63
CA TRP B 66 16.56 18.97 -11.09
C TRP B 66 15.40 19.77 -10.50
N SER B 67 15.68 20.84 -9.73
CA SER B 67 14.64 21.73 -9.20
C SER B 67 13.76 22.36 -10.29
N PHE B 68 14.22 22.25 -11.54
CA PHE B 68 13.57 22.71 -12.76
C PHE B 68 12.25 21.98 -12.98
N LEU B 69 12.13 20.81 -12.37
CA LEU B 69 10.94 19.96 -12.39
C LEU B 69 9.73 20.77 -11.96
N TYR B 70 9.94 21.70 -11.04
CA TYR B 70 8.88 22.48 -10.46
C TYR B 70 8.82 23.90 -11.01
N ARG B 71 9.43 24.17 -12.17
CA ARG B 71 9.42 25.53 -12.68
C ARG B 71 8.01 26.11 -12.75
N HIS B 72 7.07 25.36 -13.31
CA HIS B 72 5.70 25.84 -13.40
C HIS B 72 5.10 26.04 -12.00
N LEU B 73 5.24 25.05 -11.13
CA LEU B 73 4.64 25.12 -9.81
C LEU B 73 5.13 26.39 -9.10
N VAL B 74 6.46 26.66 -9.16
CA VAL B 74 7.03 27.85 -8.55
C VAL B 74 6.48 29.13 -9.14
N ARG B 75 6.40 29.18 -10.48
CA ARG B 75 5.94 30.38 -11.18
C ARG B 75 4.63 30.88 -10.64
N ASP B 76 3.65 29.99 -10.57
CA ASP B 76 2.32 30.40 -10.14
C ASP B 76 2.14 30.55 -8.63
N LEU B 77 2.80 29.71 -7.82
CA LEU B 77 2.62 29.82 -6.37
C LEU B 77 3.29 31.10 -5.82
N ARG B 78 4.34 31.54 -6.52
CA ARG B 78 5.19 32.69 -6.18
C ARG B 78 4.53 33.96 -5.69
N ASP B 79 3.40 34.32 -6.28
CA ASP B 79 2.77 35.58 -5.95
C ASP B 79 1.97 35.54 -4.64
N GLU B 80 1.74 34.33 -4.12
CA GLU B 80 0.98 34.16 -2.88
C GLU B 80 1.87 33.66 -1.74
N TYR B 81 2.81 32.75 -2.06
CA TYR B 81 3.69 32.14 -1.06
C TYR B 81 5.14 32.22 -1.50
N ARG B 82 6.07 32.30 -0.55
CA ARG B 82 7.47 32.30 -0.97
C ARG B 82 7.78 30.91 -1.44
N CYS B 83 8.41 30.78 -2.59
CA CYS B 83 8.71 29.45 -3.10
C CYS B 83 10.19 29.20 -3.28
N VAL B 84 10.65 28.16 -2.63
CA VAL B 84 12.04 27.79 -2.67
C VAL B 84 12.17 26.39 -3.23
N ALA B 85 13.08 26.17 -4.15
CA ALA B 85 13.26 24.80 -4.66
C ALA B 85 14.73 24.43 -4.54
N LEU B 86 14.98 23.25 -4.01
CA LEU B 86 16.35 22.80 -3.70
C LEU B 86 16.94 21.66 -4.54
N ASP B 87 18.16 21.87 -5.07
CA ASP B 87 18.89 20.81 -5.75
C ASP B 87 19.71 20.00 -4.75
N TYR B 88 19.45 18.70 -4.69
CA TYR B 88 20.14 17.83 -3.73
C TYR B 88 21.61 17.67 -4.07
N LEU B 89 22.46 17.46 -3.06
CA LEU B 89 23.87 17.28 -3.35
C LEU B 89 24.05 16.10 -4.28
N GLY B 90 24.93 16.28 -5.27
CA GLY B 90 25.20 15.28 -6.31
C GLY B 90 24.25 15.37 -7.51
N PHE B 91 23.26 16.26 -7.44
CA PHE B 91 22.25 16.45 -8.47
C PHE B 91 22.14 17.92 -8.87
N GLY B 92 21.54 18.17 -10.02
CA GLY B 92 21.25 19.53 -10.43
C GLY B 92 22.46 20.39 -10.58
N LEU B 93 22.40 21.55 -9.95
CA LEU B 93 23.48 22.50 -9.99
C LEU B 93 24.14 22.59 -8.62
N SER B 94 24.12 21.50 -7.85
CA SER B 94 24.73 21.49 -6.53
C SER B 94 26.07 20.77 -6.50
N GLU B 95 26.82 20.98 -5.42
CA GLU B 95 28.12 20.37 -5.20
C GLU B 95 27.97 18.86 -5.08
N ARG B 96 28.97 18.15 -5.55
CA ARG B 96 29.04 16.70 -5.42
C ARG B 96 30.33 16.25 -4.75
N PRO B 97 30.38 16.21 -3.41
CA PRO B 97 31.55 15.82 -2.66
C PRO B 97 31.89 14.42 -3.12
N THR B 98 33.17 14.09 -3.23
CA THR B 98 33.54 12.75 -3.71
C THR B 98 33.24 11.66 -2.69
N ASP B 99 33.05 12.06 -1.43
CA ASP B 99 32.74 11.14 -0.36
C ASP B 99 31.27 11.21 0.06
N PHE B 100 30.42 11.88 -0.71
CA PHE B 100 29.02 11.98 -0.27
C PHE B 100 28.34 10.62 -0.35
N SER B 101 27.65 10.26 0.71
CA SER B 101 26.90 9.03 0.72
C SER B 101 25.45 9.34 0.37
N TYR B 102 24.92 8.73 -0.68
CA TYR B 102 23.57 9.08 -1.08
C TYR B 102 22.51 8.28 -0.34
N ARG B 103 22.56 8.37 0.97
CA ARG B 103 21.58 7.75 1.83
C ARG B 103 20.51 8.80 2.07
N PRO B 104 19.23 8.45 2.21
CA PRO B 104 18.18 9.37 2.53
C PRO B 104 18.48 10.17 3.80
N GLU B 105 19.24 9.58 4.70
CA GLU B 105 19.63 10.22 5.95
C GLU B 105 20.49 11.46 5.68
N ASP B 106 21.33 11.39 4.65
CA ASP B 106 22.24 12.48 4.33
C ASP B 106 21.48 13.52 3.56
N HIS B 107 20.54 13.06 2.75
CA HIS B 107 19.71 14.01 2.01
C HIS B 107 18.83 14.78 3.00
N ALA B 108 18.32 14.10 4.01
CA ALA B 108 17.53 14.75 5.04
C ALA B 108 18.37 15.80 5.76
N ASP B 109 19.64 15.49 6.06
CA ASP B 109 20.50 16.48 6.70
C ASP B 109 20.74 17.69 5.79
N VAL B 110 20.86 17.45 4.48
CA VAL B 110 21.03 18.56 3.53
C VAL B 110 19.83 19.50 3.59
N VAL B 111 18.63 18.92 3.61
CA VAL B 111 17.40 19.70 3.70
C VAL B 111 17.30 20.44 5.02
N GLU B 112 17.58 19.75 6.13
CA GLU B 112 17.49 20.38 7.44
C GLU B 112 18.42 21.59 7.55
N GLU B 113 19.69 21.41 7.19
CA GLU B 113 20.62 22.50 7.29
C GLU B 113 20.20 23.64 6.37
N PHE B 114 19.76 23.31 5.16
CA PHE B 114 19.30 24.31 4.20
C PHE B 114 18.16 25.15 4.78
N ILE B 115 17.16 24.50 5.35
CA ILE B 115 16.03 25.21 5.95
C ILE B 115 16.52 26.17 7.04
N ASP B 116 17.42 25.70 7.91
CA ASP B 116 17.95 26.61 8.93
C ASP B 116 18.76 27.77 8.34
N GLU B 117 19.59 27.49 7.33
CA GLU B 117 20.45 28.52 6.72
C GLU B 117 19.67 29.63 6.03
N LEU B 118 18.52 29.29 5.47
CA LEU B 118 17.71 30.30 4.82
C LEU B 118 16.75 31.00 5.79
N GLY B 119 16.74 30.61 7.07
CA GLY B 119 15.84 31.22 8.03
C GLY B 119 14.38 30.81 7.78
N LEU B 120 14.17 29.63 7.22
CA LEU B 120 12.81 29.27 6.88
C LEU B 120 12.09 28.63 8.06
N GLU B 121 11.60 29.47 8.97
CA GLU B 121 10.96 29.08 10.23
C GLU B 121 9.62 28.33 10.14
N ASP B 122 8.88 28.51 9.05
CA ASP B 122 7.56 27.87 8.89
C ASP B 122 7.38 27.49 7.43
N VAL B 123 7.61 26.20 7.16
CA VAL B 123 7.66 25.71 5.80
C VAL B 123 6.70 24.60 5.43
N VAL B 124 6.04 24.76 4.30
CA VAL B 124 5.22 23.71 3.73
C VAL B 124 6.13 22.93 2.82
N LEU B 125 6.20 21.62 3.00
CA LEU B 125 7.12 20.88 2.16
C LEU B 125 6.37 20.23 1.03
N VAL B 126 6.95 20.27 -0.17
CA VAL B 126 6.38 19.60 -1.33
C VAL B 126 7.43 18.62 -1.85
N GLY B 127 7.09 17.34 -1.90
CA GLY B 127 8.10 16.39 -2.36
C GLY B 127 7.59 15.41 -3.39
N HIS B 128 8.48 15.02 -4.28
CA HIS B 128 8.19 14.07 -5.34
C HIS B 128 9.18 12.93 -5.39
N ASP B 129 8.69 11.70 -5.62
CA ASP B 129 9.62 10.57 -5.73
C ASP B 129 10.48 10.51 -4.44
N TRP B 130 11.81 10.58 -4.58
CA TRP B 130 12.71 10.52 -3.41
C TRP B 130 12.48 11.68 -2.44
N GLY B 131 12.02 12.83 -2.97
CA GLY B 131 11.78 14.03 -2.18
C GLY B 131 10.68 13.80 -1.15
N GLY B 132 9.84 12.79 -1.39
CA GLY B 132 8.76 12.43 -0.50
C GLY B 132 9.31 12.06 0.87
N PRO B 133 9.99 10.90 1.00
CA PRO B 133 10.67 10.44 2.18
C PRO B 133 11.61 11.47 2.80
N ILE B 134 12.21 12.34 1.98
CA ILE B 134 13.10 13.31 2.61
C ILE B 134 12.30 14.41 3.31
N GLY B 135 11.29 14.95 2.63
CA GLY B 135 10.45 15.97 3.26
C GLY B 135 9.72 15.38 4.46
N PHE B 136 9.28 14.13 4.32
CA PHE B 136 8.57 13.41 5.36
C PHE B 136 9.50 13.29 6.57
N SER B 137 10.75 12.87 6.34
CA SER B 137 11.73 12.73 7.39
C SER B 137 11.96 14.05 8.10
N TYR B 138 12.10 15.15 7.35
CA TYR B 138 12.28 16.43 8.00
C TYR B 138 11.13 16.64 8.98
N ALA B 139 9.89 16.44 8.50
CA ALA B 139 8.68 16.59 9.30
C ALA B 139 8.64 15.66 10.51
N ILE B 140 9.21 14.46 10.40
CA ILE B 140 9.26 13.56 11.55
C ILE B 140 10.22 14.08 12.63
N ASP B 141 11.38 14.56 12.21
CA ASP B 141 12.38 15.09 13.14
C ASP B 141 12.05 16.48 13.68
N HIS B 142 11.48 17.33 12.82
CA HIS B 142 11.15 18.71 13.13
C HIS B 142 9.73 19.10 12.70
N PRO B 143 8.68 18.48 13.25
CA PRO B 143 7.30 18.76 12.89
C PRO B 143 6.91 20.18 13.24
N GLU B 144 7.65 20.75 14.20
CA GLU B 144 7.42 22.10 14.69
C GLU B 144 7.62 23.15 13.61
N ASN B 145 8.49 22.87 12.63
CA ASN B 145 8.78 23.85 11.60
C ASN B 145 8.00 23.56 10.32
N VAL B 146 7.06 22.61 10.38
CA VAL B 146 6.34 22.25 9.18
C VAL B 146 4.91 22.75 9.19
N GLY B 147 4.61 23.58 8.18
CA GLY B 147 3.32 24.24 8.04
C GLY B 147 2.31 23.37 7.29
N GLY B 148 2.75 22.19 6.86
CA GLY B 148 1.93 21.26 6.11
C GLY B 148 2.79 20.48 5.13
N LEU B 149 2.26 19.35 4.63
CA LEU B 149 3.01 18.53 3.68
C LEU B 149 2.21 18.17 2.42
N VAL B 150 2.85 18.27 1.28
CA VAL B 150 2.25 17.82 0.02
C VAL B 150 3.19 16.81 -0.60
N VAL B 151 2.69 15.63 -0.86
CA VAL B 151 3.54 14.61 -1.43
C VAL B 151 2.96 14.12 -2.74
N MET B 152 3.83 13.76 -3.68
CA MET B 152 3.38 13.28 -4.98
C MET B 152 4.20 12.13 -5.56
N ASN B 153 3.53 11.04 -5.93
CA ASN B 153 4.23 9.88 -6.52
C ASN B 153 5.50 9.48 -5.75
N THR B 154 5.40 9.39 -4.43
CA THR B 154 6.58 9.16 -3.59
C THR B 154 7.02 7.72 -3.34
N TRP B 155 8.23 7.61 -2.78
CA TRP B 155 8.82 6.32 -2.34
C TRP B 155 8.71 6.07 -0.85
N MET B 156 7.70 6.60 -0.21
CA MET B 156 7.56 6.32 1.21
C MET B 156 7.17 4.87 1.42
N TRP B 157 7.68 4.29 2.50
CA TRP B 157 7.47 2.90 2.93
C TRP B 157 8.31 1.96 2.06
N PRO B 158 8.91 0.90 2.62
CA PRO B 158 9.65 -0.08 1.86
C PRO B 158 8.76 -0.64 0.78
N VAL B 159 9.30 -0.86 -0.40
CA VAL B 159 8.47 -1.44 -1.45
C VAL B 159 8.85 -2.90 -1.59
N SER B 160 7.93 -3.78 -1.19
CA SER B 160 8.22 -5.20 -1.16
C SER B 160 7.38 -5.99 -2.17
N ASP B 161 6.14 -5.54 -2.36
CA ASP B 161 5.17 -6.24 -3.19
C ASP B 161 5.16 -5.77 -4.64
N ASP B 162 5.55 -4.53 -4.88
CA ASP B 162 5.42 -4.03 -6.23
C ASP B 162 6.61 -4.47 -7.04
N LYS B 163 6.40 -5.58 -7.72
CA LYS B 163 7.38 -6.26 -8.54
C LYS B 163 7.91 -5.39 -9.69
N HIS B 164 7.15 -4.37 -10.12
CA HIS B 164 7.62 -3.54 -11.23
C HIS B 164 8.84 -2.76 -10.75
N PHE B 165 8.63 -2.06 -9.63
CA PHE B 165 9.69 -1.30 -9.01
C PHE B 165 10.81 -2.19 -8.56
N SER B 166 10.49 -3.30 -7.89
CA SER B 166 11.54 -4.17 -7.38
C SER B 166 12.45 -4.66 -8.52
N ARG B 167 11.87 -5.08 -9.66
CA ARG B 167 12.72 -5.51 -10.75
C ARG B 167 13.61 -4.36 -11.25
N PHE B 168 13.04 -3.16 -11.38
CA PHE B 168 13.86 -2.03 -11.78
C PHE B 168 14.90 -1.68 -10.74
N SER B 169 14.55 -1.78 -9.47
CA SER B 169 15.46 -1.40 -8.41
C SER B 169 16.68 -2.28 -8.46
N LYS B 170 16.48 -3.57 -8.68
CA LYS B 170 17.60 -4.50 -8.76
C LYS B 170 18.47 -4.24 -10.00
N LEU B 171 17.83 -3.92 -11.14
CA LEU B 171 18.56 -3.63 -12.37
C LEU B 171 19.31 -2.30 -12.30
N LEU B 172 18.63 -1.28 -11.79
CA LEU B 172 19.16 0.07 -11.71
C LEU B 172 20.01 0.24 -10.45
N GLY B 173 19.93 -0.70 -9.50
CA GLY B 173 20.75 -0.68 -8.28
C GLY B 173 21.94 -1.64 -8.44
N GLY B 174 22.67 -1.88 -7.36
CA GLY B 174 23.82 -2.76 -7.39
C GLY B 174 24.94 -2.22 -8.29
N ARG B 175 25.95 -3.05 -8.52
CA ARG B 175 27.06 -2.68 -9.40
C ARG B 175 26.58 -2.36 -10.79
N ILE B 176 25.73 -3.25 -11.35
CA ILE B 176 25.27 -3.05 -12.71
C ILE B 176 24.49 -1.76 -12.83
N GLY B 177 23.77 -1.38 -11.79
CA GLY B 177 23.02 -0.16 -11.79
C GLY B 177 23.92 1.01 -12.00
N ARG B 178 24.95 1.07 -11.15
CA ARG B 178 25.90 2.15 -11.25
C ARG B 178 26.51 2.21 -12.64
N GLU B 179 26.92 1.05 -13.17
CA GLU B 179 27.54 1.01 -14.49
C GLU B 179 26.58 1.46 -15.60
N LEU B 180 25.31 1.06 -15.51
CA LEU B 180 24.31 1.45 -16.51
C LEU B 180 24.06 2.94 -16.52
N CYS B 181 24.09 3.52 -15.32
CA CYS B 181 23.86 4.94 -15.22
C CYS B 181 25.08 5.71 -15.72
N GLU B 182 26.27 5.36 -15.21
CA GLU B 182 27.49 6.06 -15.60
C GLU B 182 27.88 5.90 -17.07
N ARG B 183 27.69 4.71 -17.63
CA ARG B 183 28.08 4.42 -19.01
C ARG B 183 27.07 4.83 -20.06
N TYR B 184 25.77 4.68 -19.77
CA TYR B 184 24.78 4.91 -20.80
C TYR B 184 23.77 6.00 -20.48
N ASP B 185 23.83 6.57 -19.27
CA ASP B 185 22.84 7.54 -18.81
C ASP B 185 21.45 6.94 -18.96
N LEU B 186 21.33 5.63 -18.66
CA LEU B 186 20.06 4.91 -18.75
C LEU B 186 18.92 5.62 -18.03
N PHE B 187 19.24 6.09 -16.83
CA PHE B 187 18.27 6.68 -15.94
C PHE B 187 17.66 7.98 -16.51
N THR B 188 18.38 8.66 -17.42
CA THR B 188 17.85 9.90 -17.99
C THR B 188 17.37 9.68 -19.43
N ARG B 189 18.08 8.85 -20.20
CA ARG B 189 17.71 8.66 -21.60
C ARG B 189 16.48 7.76 -21.77
N VAL B 190 16.31 6.76 -20.87
CA VAL B 190 15.21 5.82 -20.97
C VAL B 190 14.19 5.95 -19.86
N ILE B 191 14.67 5.91 -18.61
CA ILE B 191 13.78 5.87 -17.47
C ILE B 191 12.98 7.17 -17.32
N MET B 192 13.62 8.31 -17.57
CA MET B 192 12.92 9.57 -17.47
C MET B 192 11.71 9.58 -18.44
N PRO B 193 11.84 9.44 -19.79
CA PRO B 193 10.71 9.31 -20.71
C PRO B 193 9.72 8.21 -20.32
N MET B 194 10.21 7.10 -19.72
CA MET B 194 9.35 6.00 -19.30
C MET B 194 8.32 6.46 -18.27
N GLY B 195 8.70 7.43 -17.45
CA GLY B 195 7.84 7.94 -16.40
C GLY B 195 6.81 8.98 -16.89
N PHE B 196 6.79 9.26 -18.20
CA PHE B 196 5.82 10.21 -18.72
C PHE B 196 4.69 9.47 -19.43
N ALA B 197 3.44 9.88 -19.17
CA ALA B 197 2.26 9.36 -19.85
C ALA B 197 2.16 10.06 -21.19
N ASP B 198 2.74 11.24 -21.22
CA ASP B 198 2.76 12.08 -22.41
C ASP B 198 4.13 12.69 -22.59
N ARG B 199 4.91 12.07 -23.46
CA ARG B 199 6.28 12.45 -23.66
C ARG B 199 6.42 13.73 -24.48
N SER B 200 5.31 14.24 -25.05
CA SER B 200 5.44 15.45 -25.86
C SER B 200 5.58 16.67 -24.96
N ARG B 201 5.35 16.48 -23.66
CA ARG B 201 5.47 17.54 -22.68
C ARG B 201 6.91 17.60 -22.15
N PHE B 202 7.71 16.61 -22.53
CA PHE B 202 9.09 16.54 -22.07
C PHE B 202 9.92 17.31 -23.07
N THR B 203 9.89 18.64 -22.93
CA THR B 203 10.47 19.51 -23.92
C THR B 203 11.96 19.29 -24.05
N GLU B 204 12.51 19.69 -25.20
CA GLU B 204 13.94 19.52 -25.42
C GLU B 204 14.74 20.21 -24.33
N SER B 205 14.28 21.38 -23.88
CA SER B 205 15.01 22.08 -22.83
C SER B 205 15.00 21.25 -21.53
N ALA B 206 13.86 20.66 -21.18
CA ALA B 206 13.83 19.82 -19.98
C ALA B 206 14.76 18.62 -20.13
N ARG B 207 14.78 18.06 -21.35
CA ARG B 207 15.59 16.90 -21.62
C ARG B 207 17.06 17.26 -21.53
N GLU B 208 17.42 18.44 -22.05
CA GLU B 208 18.80 18.91 -22.01
C GLU B 208 19.28 19.10 -20.59
N GLN B 209 18.47 19.77 -19.78
CA GLN B 209 18.94 20.03 -18.43
C GLN B 209 19.07 18.75 -17.64
N TYR B 210 18.18 17.79 -17.81
CA TYR B 210 18.35 16.57 -17.05
C TYR B 210 19.64 15.85 -17.53
N ARG B 211 19.86 15.85 -18.85
CA ARG B 211 21.04 15.18 -19.45
C ARG B 211 22.32 15.98 -19.28
N ALA B 212 22.20 17.24 -18.88
CA ALA B 212 23.35 18.11 -18.64
C ALA B 212 24.23 17.56 -17.52
N ALA B 213 23.67 16.74 -16.62
CA ALA B 213 24.48 16.19 -15.52
C ALA B 213 25.66 15.41 -16.11
N ASN B 214 26.85 15.50 -15.51
CA ASN B 214 27.99 14.80 -16.12
C ASN B 214 28.14 13.36 -15.64
N ARG B 215 29.16 12.65 -16.15
CA ARG B 215 29.36 11.26 -15.77
C ARG B 215 29.54 11.06 -14.27
N GLY B 216 30.31 11.91 -13.62
CA GLY B 216 30.48 11.77 -12.18
C GLY B 216 29.16 11.95 -11.43
N ASP B 217 28.33 12.88 -11.91
CA ASP B 217 27.03 13.18 -11.29
C ASP B 217 26.11 11.96 -11.41
N ARG B 218 26.31 11.20 -12.49
CA ARG B 218 25.53 9.99 -12.76
C ARG B 218 25.74 8.96 -11.65
N THR B 219 26.85 9.04 -10.91
CA THR B 219 27.08 8.11 -9.82
C THR B 219 25.98 8.26 -8.77
N GLY B 220 25.63 9.51 -8.43
CA GLY B 220 24.64 9.76 -7.39
C GLY B 220 23.31 9.18 -7.82
N THR B 221 23.03 9.38 -9.10
CA THR B 221 21.81 8.87 -9.71
C THR B 221 21.80 7.34 -9.70
N GLY B 222 22.93 6.73 -10.04
CA GLY B 222 23.09 5.28 -10.06
C GLY B 222 22.87 4.68 -8.67
N ILE B 223 23.32 5.38 -7.63
CA ILE B 223 23.14 4.90 -6.27
C ILE B 223 21.69 4.97 -5.81
N PHE B 224 21.00 6.07 -6.09
CA PHE B 224 19.61 6.23 -5.67
C PHE B 224 18.75 4.95 -5.48
N PRO B 225 18.44 4.12 -6.49
CA PRO B 225 17.59 2.95 -6.30
C PRO B 225 18.21 1.95 -5.32
N GLN B 226 19.55 1.97 -5.19
CA GLN B 226 20.20 1.09 -4.25
C GLN B 226 19.94 1.62 -2.87
N ALA B 227 19.92 2.95 -2.78
CA ALA B 227 19.69 3.58 -1.50
C ALA B 227 18.31 3.15 -1.02
N ILE B 228 17.32 3.10 -1.92
CA ILE B 228 15.98 2.65 -1.52
C ILE B 228 16.00 1.19 -1.05
N LEU B 229 16.70 0.33 -1.77
CA LEU B 229 16.78 -1.07 -1.39
C LEU B 229 17.44 -1.26 -0.01
N GLY B 230 18.47 -0.46 0.29
CA GLY B 230 19.17 -0.55 1.57
C GLY B 230 18.57 0.31 2.69
N SER B 231 17.70 1.25 2.33
CA SER B 231 17.09 2.19 3.27
C SER B 231 15.77 1.72 3.82
N ARG B 232 15.42 0.48 3.56
CA ARG B 232 14.16 -0.08 4.04
C ARG B 232 13.99 0.13 5.55
N ALA B 233 15.06 -0.02 6.35
CA ALA B 233 14.93 0.21 7.79
C ALA B 233 14.52 1.66 8.10
N TRP B 234 15.06 2.60 7.33
CA TRP B 234 14.79 4.02 7.50
C TRP B 234 13.35 4.31 7.11
N LEU B 235 12.94 3.77 5.96
CA LEU B 235 11.59 3.96 5.47
C LEU B 235 10.58 3.34 6.43
N SER B 236 10.94 2.19 7.01
CA SER B 236 10.09 1.51 7.97
C SER B 236 9.96 2.38 9.21
N SER B 237 11.07 2.96 9.66
CA SER B 237 11.05 3.82 10.84
C SER B 237 10.15 5.03 10.58
N LEU B 238 10.25 5.61 9.39
CA LEU B 238 9.40 6.76 9.09
C LEU B 238 7.93 6.35 9.12
N TRP B 239 7.63 5.16 8.60
CA TRP B 239 6.26 4.66 8.61
C TRP B 239 5.75 4.55 10.04
N GLU B 240 6.57 3.98 10.94
CA GLU B 240 6.17 3.82 12.33
C GLU B 240 5.91 5.16 13.03
N GLN B 241 6.62 6.20 12.63
CA GLN B 241 6.46 7.52 13.23
C GLN B 241 5.34 8.34 12.58
N ARG B 242 4.63 7.74 11.61
CA ARG B 242 3.51 8.41 10.94
C ARG B 242 2.44 8.85 11.94
N ASP B 243 2.26 8.10 13.03
CA ASP B 243 1.26 8.49 14.03
C ASP B 243 1.54 9.89 14.59
N ASN B 244 2.81 10.33 14.57
CA ASN B 244 3.16 11.65 15.08
C ASN B 244 3.07 12.69 13.96
N ILE B 245 3.40 12.27 12.72
CA ILE B 245 3.38 13.21 11.59
C ILE B 245 1.94 13.56 11.29
N ALA B 246 1.02 12.70 11.77
CA ALA B 246 -0.42 12.82 11.63
C ALA B 246 -0.93 14.17 12.14
N ASP B 247 -0.18 14.86 12.98
CA ASP B 247 -0.63 16.18 13.45
C ASP B 247 -0.37 17.30 12.43
N ILE B 248 0.30 16.99 11.32
CA ILE B 248 0.61 17.94 10.24
C ILE B 248 -0.32 17.74 9.04
N PRO B 249 -1.13 18.72 8.62
CA PRO B 249 -2.08 18.61 7.52
C PRO B 249 -1.38 18.16 6.26
N ALA B 250 -2.04 17.33 5.45
CA ALA B 250 -1.36 16.87 4.25
C ALA B 250 -2.22 16.52 3.03
N ARG B 251 -1.56 16.52 1.86
CA ARG B 251 -2.20 16.12 0.62
C ARG B 251 -1.34 15.14 -0.15
N ILE B 252 -1.96 14.11 -0.71
CA ILE B 252 -1.23 13.12 -1.48
C ILE B 252 -1.72 13.10 -2.93
N ILE B 253 -0.81 13.38 -3.84
CA ILE B 253 -1.12 13.43 -5.26
C ILE B 253 -0.62 12.19 -5.96
N TRP B 254 -1.50 11.54 -6.68
CA TRP B 254 -1.14 10.31 -7.36
C TRP B 254 -1.61 10.26 -8.80
N GLY B 255 -0.67 9.93 -9.69
CA GLY B 255 -1.05 9.79 -11.10
C GLY B 255 -1.71 8.43 -11.35
N MET B 256 -2.74 8.41 -12.19
CA MET B 256 -3.41 7.15 -12.51
C MET B 256 -2.51 6.17 -13.27
N GLU B 257 -1.49 6.67 -13.96
CA GLU B 257 -0.60 5.82 -14.72
C GLU B 257 0.80 5.79 -14.09
N ASP B 258 0.87 6.09 -12.78
CA ASP B 258 2.15 6.09 -12.07
C ASP B 258 2.77 4.70 -12.02
N SER B 259 4.07 4.70 -11.73
CA SER B 259 4.86 3.50 -11.56
C SER B 259 5.46 3.38 -10.15
N ALA B 260 5.51 4.49 -9.41
CA ALA B 260 6.11 4.51 -8.08
C ALA B 260 5.14 4.27 -6.93
N PHE B 261 3.86 4.27 -7.21
CA PHE B 261 2.89 4.22 -6.12
C PHE B 261 1.60 3.59 -6.65
N ARG B 262 1.03 2.66 -5.89
CA ARG B 262 -0.20 1.98 -6.29
C ARG B 262 -1.41 2.57 -5.56
N PRO B 263 -2.65 2.47 -6.09
CA PRO B 263 -3.83 3.00 -5.43
C PRO B 263 -4.05 2.32 -4.08
N ALA B 264 -3.52 1.11 -3.93
CA ALA B 264 -3.62 0.41 -2.66
C ALA B 264 -2.88 1.18 -1.59
N GLU B 265 -1.75 1.77 -1.99
CA GLU B 265 -0.91 2.51 -1.09
C GLU B 265 -1.58 3.84 -0.85
N LEU B 266 -2.11 4.42 -1.89
CA LEU B 266 -2.77 5.71 -1.74
C LEU B 266 -3.86 5.62 -0.68
N ARG B 267 -4.67 4.56 -0.75
CA ARG B 267 -5.71 4.35 0.24
C ARG B 267 -5.14 4.08 1.64
N THR B 268 -4.06 3.30 1.72
CA THR B 268 -3.47 2.96 3.01
C THR B 268 -2.89 4.22 3.68
N PHE B 269 -2.21 5.05 2.89
CA PHE B 269 -1.63 6.26 3.43
C PHE B 269 -2.73 7.18 3.95
N GLU B 270 -3.85 7.29 3.20
CA GLU B 270 -4.95 8.12 3.67
C GLU B 270 -5.52 7.61 4.99
N ALA B 271 -5.63 6.28 5.11
CA ALA B 271 -6.15 5.65 6.31
C ALA B 271 -5.30 5.97 7.54
N LEU B 272 -3.99 6.09 7.36
CA LEU B 272 -3.09 6.33 8.48
C LEU B 272 -2.77 7.80 8.75
N PHE B 273 -2.55 8.59 7.70
CA PHE B 273 -2.12 9.95 7.90
C PHE B 273 -3.36 10.79 8.20
N GLU B 274 -3.65 10.96 9.48
CA GLU B 274 -4.86 11.68 9.85
C GLU B 274 -4.76 13.11 9.34
N ASP B 275 -5.89 13.72 9.03
CA ASP B 275 -5.94 15.08 8.47
C ASP B 275 -5.24 15.17 7.12
N SER B 276 -5.55 14.22 6.24
CA SER B 276 -5.00 14.26 4.90
C SER B 276 -6.06 13.93 3.88
N SER B 277 -5.73 14.21 2.63
CA SER B 277 -6.63 13.90 1.52
C SER B 277 -5.85 13.51 0.27
N THR B 278 -6.39 12.55 -0.46
CA THR B 278 -5.77 12.10 -1.69
C THR B 278 -6.38 12.77 -2.92
N VAL B 279 -5.55 12.91 -3.95
CA VAL B 279 -5.97 13.44 -5.23
C VAL B 279 -5.55 12.51 -6.37
N ARG B 280 -6.48 12.18 -7.26
CA ARG B 280 -6.13 11.33 -8.38
C ARG B 280 -6.12 12.11 -9.68
N LEU B 281 -4.97 12.14 -10.34
CA LEU B 281 -4.83 12.88 -11.59
C LEU B 281 -4.81 11.91 -12.78
N TYR B 282 -5.55 12.26 -13.82
CA TYR B 282 -5.70 11.40 -14.98
C TYR B 282 -4.84 11.83 -16.17
N GLY B 283 -4.35 10.84 -16.92
CA GLY B 283 -3.54 11.08 -18.12
C GLY B 283 -2.11 11.45 -17.76
N VAL B 284 -1.73 11.15 -16.52
CA VAL B 284 -0.42 11.51 -15.99
C VAL B 284 0.32 10.31 -15.40
N GLY B 285 1.63 10.33 -15.61
CA GLY B 285 2.54 9.27 -15.15
C GLY B 285 3.23 9.62 -13.83
N HIS B 286 4.55 9.38 -13.81
CA HIS B 286 5.42 9.57 -12.66
C HIS B 286 5.72 11.07 -12.53
N TYR B 287 6.15 11.70 -13.63
CA TYR B 287 6.59 13.09 -13.55
C TYR B 287 5.41 14.10 -13.64
N VAL B 288 4.59 14.08 -12.59
CA VAL B 288 3.37 14.89 -12.50
C VAL B 288 3.51 16.40 -12.64
N PRO B 289 4.46 17.09 -11.96
CA PRO B 289 4.58 18.53 -11.99
C PRO B 289 5.00 19.05 -13.36
N GLU B 290 5.57 18.16 -14.20
CA GLU B 290 6.01 18.56 -15.52
C GLU B 290 4.87 18.37 -16.51
N GLU B 291 4.17 17.24 -16.40
CA GLU B 291 3.07 16.99 -17.33
C GLU B 291 1.80 17.79 -16.99
N PHE B 292 1.44 17.82 -15.72
CA PHE B 292 0.22 18.45 -15.22
C PHE B 292 0.46 19.50 -14.15
N GLY B 293 1.49 20.32 -14.35
CA GLY B 293 1.80 21.40 -13.41
C GLY B 293 0.58 22.31 -13.24
N SER B 294 -0.22 22.46 -14.31
CA SER B 294 -1.42 23.31 -14.29
C SER B 294 -2.51 22.80 -13.35
N ASP B 295 -2.49 21.52 -12.96
CA ASP B 295 -3.46 21.01 -12.01
C ASP B 295 -2.82 21.02 -10.63
N LEU B 296 -1.52 20.77 -10.59
CA LEU B 296 -0.80 20.71 -9.33
C LEU B 296 -0.83 22.06 -8.65
N VAL B 297 -0.66 23.13 -9.43
CA VAL B 297 -0.71 24.46 -8.86
C VAL B 297 -1.98 24.66 -8.03
N PRO B 298 -3.23 24.62 -8.56
CA PRO B 298 -4.44 24.64 -7.76
C PRO B 298 -4.47 23.66 -6.60
N LEU B 299 -3.92 22.45 -6.74
CA LEU B 299 -3.99 21.54 -5.59
C LEU B 299 -3.17 22.07 -4.42
N VAL B 300 -2.01 22.62 -4.75
CA VAL B 300 -1.12 23.16 -3.74
C VAL B 300 -1.70 24.45 -3.21
N ARG B 301 -2.21 25.32 -4.10
CA ARG B 301 -2.77 26.59 -3.65
C ARG B 301 -3.96 26.36 -2.71
N GLU B 302 -4.83 25.39 -3.03
CA GLU B 302 -5.97 25.13 -2.16
C GLU B 302 -5.50 24.68 -0.80
N PHE B 303 -4.50 23.82 -0.76
CA PHE B 303 -3.95 23.38 0.52
C PHE B 303 -3.45 24.57 1.31
N LEU B 304 -2.65 25.40 0.65
CA LEU B 304 -2.06 26.57 1.28
C LEU B 304 -3.08 27.62 1.73
N GLU B 305 -4.24 27.69 1.04
CA GLU B 305 -5.30 28.60 1.42
C GLU B 305 -6.10 28.05 2.61
N GLU B 306 -6.42 26.75 2.56
CA GLU B 306 -7.20 26.08 3.60
C GLU B 306 -6.51 26.03 4.96
N VAL B 307 -5.19 25.85 4.96
CA VAL B 307 -4.47 25.71 6.20
C VAL B 307 -3.01 26.13 6.10
#